data_8JDS
#
_entry.id   8JDS
#
_cell.length_a   81.341
_cell.length_b   102.740
_cell.length_c   122.292
_cell.angle_alpha   90.00
_cell.angle_beta   90.00
_cell.angle_gamma   90.00
#
_symmetry.space_group_name_H-M   'I 2 2 2'
#
loop_
_entity.id
_entity.type
_entity.pdbx_description
1 polymer 'Probable D-lactate dehydrogenase, mitochondrial'
2 non-polymer 'FLAVIN-ADENINE DINUCLEOTIDE'
3 non-polymer 'MANGANESE (II) ION'
4 non-polymer 'PYRUVIC ACID'
5 water water
#
_entity_poly.entity_id   1
_entity_poly.type   'polypeptide(L)'
_entity_poly.pdbx_seq_one_letter_code
;WSHPQFEKGSQGGLSQDFVEALKAVVGSPHVSTASAVREQHGHDESMHRCQPPDAVVWPQNVDQVSRVASLCYNQGVPII
PFGTGTGVEGGVCAVQGGVCINLTHMDQITELNTEDFSVVVEPGVTRKALNTHLRDSGLWFPVDPGADASLCGMAATGAS
GTNAVRYGTMRDNVINLEVVLPDGRLLHTAGRGRHYRKSAAGYNLTGLFVGSEGTLGIITSTTLRLHPAPEATVAATCAF
PSVQAAVDSTVQILQAAVPVARIEFLDDVMMDACNRHSKLNCPVAPTLFLEFHGSQQTLAEQLQRTEAITQDNGGSHFSW
AKEAEKRNELWAARHNAWYAALALSPGSKAYSTDVCVPISRLPEILVETKEEIKASKLTGAIVGHVGDGNFHCILLVDPD
DAEEQRRVKAFAENLGRRALALGGTCTGEHGIGLGKRQLLQEEVGPVGVETMRQLKNTLDPRGLMNPGKVL
;
_entity_poly.pdbx_strand_id   A
#
loop_
_chem_comp.id
_chem_comp.type
_chem_comp.name
_chem_comp.formula
FAD non-polymer 'FLAVIN-ADENINE DINUCLEOTIDE' 'C27 H33 N9 O15 P2'
MN non-polymer 'MANGANESE (II) ION' 'Mn 2'
PYR non-polymer 'PYRUVIC ACID' 'C3 H4 O3'
#
# COMPACT_ATOMS: atom_id res chain seq x y z
N LEU A 14 21.80 -11.81 20.08
CA LEU A 14 20.75 -12.47 20.85
C LEU A 14 21.29 -13.66 21.64
N SER A 15 21.11 -13.62 22.97
CA SER A 15 21.67 -14.63 23.84
C SER A 15 20.88 -15.94 23.75
N GLN A 16 21.57 -17.03 24.10
CA GLN A 16 20.91 -18.34 24.10
C GLN A 16 19.75 -18.38 25.07
N ASP A 17 19.89 -17.76 26.24
CA ASP A 17 18.79 -17.72 27.19
C ASP A 17 17.58 -17.01 26.60
N PHE A 18 17.82 -15.92 25.86
CA PHE A 18 16.70 -15.20 25.25
C PHE A 18 16.02 -16.04 24.18
N VAL A 19 16.79 -16.70 23.32
CA VAL A 19 16.21 -17.55 22.28
C VAL A 19 15.38 -18.67 22.90
N GLU A 20 15.89 -19.27 23.98
CA GLU A 20 15.12 -20.32 24.64
C GLU A 20 13.83 -19.80 25.24
N ALA A 21 13.85 -18.57 25.78
CA ALA A 21 12.62 -17.97 26.26
C ALA A 21 11.59 -17.80 25.14
N LEU A 22 12.06 -17.39 23.95
CA LEU A 22 11.16 -17.26 22.80
C LEU A 22 10.56 -18.60 22.43
N LYS A 23 11.39 -19.66 22.41
CA LYS A 23 10.87 -20.97 22.06
C LYS A 23 9.87 -21.48 23.09
N ALA A 24 10.03 -21.09 24.36
CA ALA A 24 9.05 -21.48 25.36
C ALA A 24 7.67 -20.88 25.09
N VAL A 25 7.60 -19.73 24.42
CA VAL A 25 6.31 -19.13 24.10
C VAL A 25 5.68 -19.79 22.88
N VAL A 26 6.43 -19.85 21.77
CA VAL A 26 5.81 -20.20 20.49
C VAL A 26 6.09 -21.64 20.08
N GLY A 27 7.07 -22.29 20.71
CA GLY A 27 7.45 -23.63 20.28
C GLY A 27 8.70 -23.61 19.42
N SER A 28 9.56 -24.61 19.61
CA SER A 28 10.84 -24.61 18.91
C SER A 28 10.72 -24.47 17.39
N PRO A 29 9.78 -25.11 16.69
CA PRO A 29 9.75 -24.96 15.23
C PRO A 29 9.43 -23.54 14.78
N HIS A 30 8.93 -22.69 15.67
CA HIS A 30 8.44 -21.37 15.31
C HIS A 30 9.41 -20.24 15.70
N VAL A 31 10.67 -20.58 15.97
CA VAL A 31 11.75 -19.63 16.18
C VAL A 31 12.91 -20.02 15.29
N SER A 32 13.46 -19.06 14.55
CA SER A 32 14.66 -19.37 13.76
C SER A 32 15.71 -18.28 13.91
N THR A 33 16.96 -18.69 14.15
CA THR A 33 18.12 -17.80 14.05
C THR A 33 19.00 -18.15 12.87
N ALA A 34 18.52 -18.97 11.94
CA ALA A 34 19.33 -19.36 10.78
C ALA A 34 19.49 -18.19 9.83
N SER A 35 20.70 -18.03 9.31
CA SER A 35 21.01 -16.87 8.47
C SER A 35 20.09 -16.77 7.27
N ALA A 36 19.83 -17.87 6.57
CA ALA A 36 19.00 -17.80 5.37
C ALA A 36 17.58 -17.36 5.70
N VAL A 37 17.05 -17.84 6.82
CA VAL A 37 15.69 -17.48 7.21
C VAL A 37 15.64 -16.01 7.61
N ARG A 38 16.66 -15.54 8.32
CA ARG A 38 16.69 -14.14 8.70
C ARG A 38 16.87 -13.24 7.47
N GLU A 39 17.70 -13.65 6.51
CA GLU A 39 17.88 -12.84 5.31
C GLU A 39 16.57 -12.69 4.54
N GLN A 40 15.77 -13.77 4.46
CA GLN A 40 14.48 -13.72 3.77
C GLN A 40 13.51 -12.76 4.44
N HIS A 41 13.71 -12.46 5.71
CA HIS A 41 12.84 -11.55 6.44
C HIS A 41 13.49 -10.19 6.69
N GLY A 42 14.61 -9.89 6.01
CA GLY A 42 15.31 -8.65 6.21
C GLY A 42 15.08 -7.63 5.13
N HIS A 43 14.17 -7.88 4.21
CA HIS A 43 13.97 -6.97 3.09
C HIS A 43 12.54 -7.14 2.62
N ASP A 44 12.10 -6.15 1.85
CA ASP A 44 10.77 -6.25 1.25
C ASP A 44 10.94 -6.20 -0.26
N GLU A 45 9.98 -5.63 -0.99
CA GLU A 45 10.09 -5.64 -2.44
C GLU A 45 10.85 -4.46 -3.00
N SER A 46 11.32 -3.54 -2.15
CA SER A 46 12.00 -2.35 -2.64
C SER A 46 13.50 -2.57 -2.71
N MET A 47 14.20 -1.54 -3.20
CA MET A 47 15.65 -1.57 -3.32
C MET A 47 16.38 -1.36 -2.01
N HIS A 48 15.69 -1.08 -0.90
CA HIS A 48 16.36 -0.88 0.37
C HIS A 48 17.16 -2.12 0.74
N ARG A 49 18.40 -1.91 1.19
CA ARG A 49 19.32 -3.01 1.39
C ARG A 49 18.83 -3.94 2.49
N CYS A 50 19.03 -5.23 2.28
CA CYS A 50 18.63 -6.23 3.27
C CYS A 50 19.37 -6.03 4.59
N GLN A 51 18.60 -5.95 5.68
CA GLN A 51 19.16 -5.84 7.03
C GLN A 51 18.48 -6.92 7.85
N PRO A 52 19.11 -8.06 8.04
CA PRO A 52 18.44 -9.22 8.60
C PRO A 52 18.20 -9.04 10.09
N PRO A 53 17.03 -9.44 10.57
CA PRO A 53 16.80 -9.49 12.01
C PRO A 53 17.68 -10.57 12.63
N ASP A 54 17.79 -10.52 13.96
CA ASP A 54 18.58 -11.52 14.67
C ASP A 54 17.83 -12.82 14.83
N ALA A 55 16.51 -12.79 14.76
CA ALA A 55 15.70 -14.00 14.83
C ALA A 55 14.38 -13.71 14.16
N VAL A 56 13.72 -14.77 13.69
CA VAL A 56 12.35 -14.72 13.22
C VAL A 56 11.48 -15.62 14.09
N VAL A 57 10.31 -15.12 14.48
CA VAL A 57 9.39 -15.82 15.35
C VAL A 57 8.01 -15.80 14.72
N TRP A 58 7.31 -16.96 14.74
CA TRP A 58 5.95 -17.08 14.22
C TRP A 58 5.00 -17.39 15.37
N PRO A 59 4.39 -16.39 15.98
CA PRO A 59 3.41 -16.68 17.02
C PRO A 59 2.16 -17.32 16.43
N GLN A 60 1.55 -18.21 17.22
CA GLN A 60 0.43 -19.01 16.73
C GLN A 60 -0.92 -18.48 17.16
N ASN A 61 -0.96 -17.54 18.12
CA ASN A 61 -2.19 -16.93 18.58
C ASN A 61 -1.82 -15.62 19.28
N VAL A 62 -2.85 -14.82 19.60
CA VAL A 62 -2.61 -13.48 20.12
C VAL A 62 -1.95 -13.52 21.49
N ASP A 63 -2.27 -14.51 22.32
CA ASP A 63 -1.57 -14.63 23.60
C ASP A 63 -0.06 -14.78 23.37
N GLN A 64 0.33 -15.57 22.38
CA GLN A 64 1.76 -15.70 22.09
C GLN A 64 2.33 -14.39 21.56
N VAL A 65 1.58 -13.64 20.73
CA VAL A 65 2.10 -12.36 20.28
C VAL A 65 2.40 -11.46 21.48
N SER A 66 1.45 -11.40 22.41
CA SER A 66 1.60 -10.58 23.61
C SER A 66 2.83 -11.01 24.41
N ARG A 67 3.00 -12.31 24.61
CA ARG A 67 4.14 -12.79 25.38
C ARG A 67 5.48 -12.61 24.68
N VAL A 68 5.53 -12.76 23.34
CA VAL A 68 6.74 -12.43 22.62
C VAL A 68 7.05 -10.94 22.74
N ALA A 69 6.04 -10.09 22.58
CA ALA A 69 6.29 -8.66 22.66
C ALA A 69 6.85 -8.29 24.02
N SER A 70 6.20 -8.79 25.08
CA SER A 70 6.65 -8.51 26.45
C SER A 70 8.09 -8.96 26.67
N LEU A 71 8.45 -10.17 26.17
CA LEU A 71 9.81 -10.66 26.30
C LEU A 71 10.82 -9.72 25.65
N CYS A 72 10.58 -9.36 24.38
CA CYS A 72 11.47 -8.45 23.68
C CYS A 72 11.54 -7.10 24.37
N TYR A 73 10.37 -6.56 24.70
CA TYR A 73 10.33 -5.20 25.20
C TYR A 73 11.13 -5.08 26.48
N ASN A 74 10.93 -6.01 27.41
CA ASN A 74 11.62 -5.90 28.68
C ASN A 74 13.10 -6.23 28.57
N GLN A 75 13.52 -6.92 27.53
CA GLN A 75 14.94 -7.18 27.36
C GLN A 75 15.63 -6.17 26.46
N GLY A 76 14.92 -5.14 25.99
CA GLY A 76 15.57 -4.14 25.16
C GLY A 76 15.86 -4.64 23.74
N VAL A 77 15.06 -5.55 23.23
CA VAL A 77 15.28 -6.15 21.91
C VAL A 77 14.24 -5.57 20.96
N PRO A 78 14.66 -4.99 19.82
CA PRO A 78 13.68 -4.43 18.87
C PRO A 78 12.74 -5.48 18.33
N ILE A 79 11.55 -5.01 17.95
CA ILE A 79 10.48 -5.84 17.39
C ILE A 79 10.16 -5.31 16.00
N ILE A 80 10.12 -6.20 15.00
CA ILE A 80 9.77 -5.79 13.64
C ILE A 80 8.58 -6.63 13.19
N PRO A 81 7.37 -6.06 13.12
CA PRO A 81 6.23 -6.84 12.61
C PRO A 81 6.43 -7.12 11.13
N PHE A 82 6.04 -8.32 10.73
CA PHE A 82 6.27 -8.78 9.36
C PHE A 82 4.98 -9.43 8.88
N GLY A 83 4.44 -8.93 7.76
CA GLY A 83 3.24 -9.50 7.18
C GLY A 83 3.60 -10.37 6.01
N THR A 84 3.33 -9.90 4.80
CA THR A 84 3.72 -10.65 3.61
C THR A 84 5.00 -10.11 2.96
N GLY A 85 5.62 -9.09 3.55
CA GLY A 85 6.89 -8.59 3.04
C GLY A 85 6.81 -7.96 1.65
N THR A 86 5.64 -7.45 1.27
CA THR A 86 5.46 -6.80 -0.03
C THR A 86 5.57 -5.28 0.05
N GLY A 87 5.88 -4.71 1.20
CA GLY A 87 6.05 -3.27 1.29
C GLY A 87 7.16 -2.77 0.35
N VAL A 88 7.16 -1.46 0.14
CA VAL A 88 8.14 -0.90 -0.79
C VAL A 88 8.94 0.25 -0.18
N GLU A 89 8.90 0.42 1.14
CA GLU A 89 9.71 1.45 1.77
C GLU A 89 10.65 0.91 2.86
N GLY A 90 10.96 -0.37 2.85
CA GLY A 90 11.95 -0.85 3.80
C GLY A 90 11.39 -1.03 5.18
N GLY A 91 10.07 -1.13 5.29
CA GLY A 91 9.46 -1.20 6.61
C GLY A 91 9.91 -2.41 7.42
N VAL A 92 10.24 -3.52 6.76
CA VAL A 92 10.65 -4.69 7.53
C VAL A 92 12.17 -4.80 7.70
N CYS A 93 12.94 -3.87 7.16
CA CYS A 93 14.39 -3.95 7.31
C CYS A 93 14.78 -3.79 8.78
N ALA A 94 15.59 -4.71 9.32
CA ALA A 94 15.89 -4.66 10.75
C ALA A 94 17.14 -3.80 10.97
N VAL A 95 16.94 -2.48 10.95
CA VAL A 95 18.10 -1.59 10.95
C VAL A 95 18.85 -1.62 12.29
N GLN A 96 18.21 -2.07 13.37
CA GLN A 96 18.87 -2.27 14.66
C GLN A 96 18.85 -3.73 15.09
N GLY A 97 18.72 -4.65 14.14
CA GLY A 97 18.60 -6.06 14.50
C GLY A 97 17.28 -6.31 15.19
N GLY A 98 17.26 -7.33 16.04
CA GLY A 98 16.08 -7.62 16.84
C GLY A 98 15.31 -8.81 16.34
N VAL A 99 14.06 -8.87 16.75
CA VAL A 99 13.20 -10.03 16.51
C VAL A 99 12.16 -9.65 15.47
N CYS A 100 12.16 -10.35 14.34
CA CYS A 100 11.11 -10.21 13.34
C CYS A 100 9.94 -11.13 13.70
N ILE A 101 8.77 -10.54 13.87
CA ILE A 101 7.58 -11.30 14.23
C ILE A 101 6.77 -11.50 12.95
N ASN A 102 6.82 -12.71 12.39
CA ASN A 102 6.03 -13.07 11.21
C ASN A 102 4.65 -13.50 11.70
N LEU A 103 3.62 -12.77 11.29
CA LEU A 103 2.29 -12.95 11.85
C LEU A 103 1.39 -13.85 10.99
N THR A 104 1.93 -14.49 9.95
CA THR A 104 1.02 -15.06 8.96
C THR A 104 0.49 -16.45 9.31
N HIS A 105 0.92 -17.06 10.42
CA HIS A 105 0.26 -18.30 10.82
C HIS A 105 -1.07 -18.09 11.51
N MET A 106 -1.40 -16.86 11.90
CA MET A 106 -2.75 -16.52 12.35
C MET A 106 -3.51 -16.09 11.12
N ASP A 107 -4.31 -17.02 10.54
CA ASP A 107 -4.84 -16.81 9.19
C ASP A 107 -6.35 -17.06 9.12
N GLN A 108 -7.06 -16.83 10.21
CA GLN A 108 -8.49 -17.15 10.28
C GLN A 108 -9.35 -15.93 9.98
N ILE A 109 -10.42 -16.16 9.23
CA ILE A 109 -11.49 -15.20 9.05
C ILE A 109 -12.58 -15.49 10.07
N THR A 110 -13.03 -14.46 10.78
CA THR A 110 -14.09 -14.66 11.78
C THR A 110 -15.13 -13.55 11.70
N GLU A 111 -16.24 -13.79 12.39
CA GLU A 111 -17.28 -12.79 12.59
C GLU A 111 -17.72 -12.19 11.26
N LEU A 112 -17.86 -13.05 10.26
CA LEU A 112 -18.44 -12.58 9.01
C LEU A 112 -19.88 -12.17 9.29
N ASN A 113 -20.17 -10.88 9.16
CA ASN A 113 -21.50 -10.34 9.45
C ASN A 113 -22.02 -9.77 8.14
N THR A 114 -22.59 -10.64 7.31
CA THR A 114 -23.04 -10.23 5.98
C THR A 114 -24.10 -9.13 6.07
N GLU A 115 -25.00 -9.23 7.04
CA GLU A 115 -26.08 -8.25 7.16
C GLU A 115 -25.60 -6.87 7.61
N ASP A 116 -24.44 -6.80 8.28
CA ASP A 116 -23.84 -5.53 8.71
C ASP A 116 -22.70 -5.09 7.81
N PHE A 117 -22.36 -5.89 6.80
CA PHE A 117 -21.25 -5.61 5.89
C PHE A 117 -19.93 -5.45 6.67
N SER A 118 -19.62 -6.46 7.49
CA SER A 118 -18.36 -6.42 8.22
C SER A 118 -17.78 -7.84 8.38
N VAL A 119 -16.47 -7.91 8.61
CA VAL A 119 -15.76 -9.17 8.78
C VAL A 119 -14.49 -8.88 9.58
N VAL A 120 -14.02 -9.88 10.35
CA VAL A 120 -12.77 -9.78 11.11
C VAL A 120 -11.74 -10.74 10.50
N VAL A 121 -10.51 -10.25 10.25
CA VAL A 121 -9.46 -11.06 9.65
C VAL A 121 -8.17 -10.98 10.48
N GLU A 122 -7.45 -12.10 10.51
CA GLU A 122 -6.13 -12.19 11.14
C GLU A 122 -5.05 -11.93 10.11
N PRO A 123 -3.80 -11.73 10.55
CA PRO A 123 -2.76 -11.21 9.60
C PRO A 123 -2.41 -12.13 8.44
N GLY A 124 -2.57 -13.44 8.58
CA GLY A 124 -2.28 -14.31 7.46
C GLY A 124 -3.35 -14.31 6.35
N VAL A 125 -4.45 -13.58 6.54
CA VAL A 125 -5.50 -13.49 5.53
C VAL A 125 -5.10 -12.44 4.50
N THR A 126 -5.04 -12.84 3.24
CA THR A 126 -4.81 -11.88 2.16
C THR A 126 -6.17 -11.46 1.58
N ARG A 127 -6.15 -10.40 0.77
CA ARG A 127 -7.41 -9.98 0.15
C ARG A 127 -7.95 -11.08 -0.76
N LYS A 128 -7.05 -11.81 -1.44
CA LYS A 128 -7.49 -12.93 -2.27
C LYS A 128 -8.20 -13.99 -1.44
N ALA A 129 -7.63 -14.34 -0.29
CA ALA A 129 -8.28 -15.30 0.61
C ALA A 129 -9.64 -14.79 1.04
N LEU A 130 -9.72 -13.51 1.43
CA LEU A 130 -11.00 -12.98 1.89
C LEU A 130 -12.05 -13.01 0.78
N ASN A 131 -11.70 -12.51 -0.41
CA ASN A 131 -12.70 -12.44 -1.45
C ASN A 131 -13.12 -13.83 -1.94
N THR A 132 -12.21 -14.80 -1.88
CA THR A 132 -12.58 -16.20 -2.14
C THR A 132 -13.62 -16.68 -1.12
N HIS A 133 -13.37 -16.40 0.17
CA HIS A 133 -14.32 -16.74 1.22
C HIS A 133 -15.68 -16.07 0.99
N LEU A 134 -15.70 -14.92 0.34
CA LEU A 134 -16.92 -14.14 0.15
C LEU A 134 -17.65 -14.48 -1.13
N ARG A 135 -17.15 -15.40 -1.95
CA ARG A 135 -17.86 -15.72 -3.19
C ARG A 135 -19.22 -16.32 -2.85
N ASP A 136 -20.26 -15.84 -3.54
CA ASP A 136 -21.68 -16.22 -3.39
C ASP A 136 -22.29 -15.52 -2.20
N SER A 137 -21.57 -14.63 -1.50
CA SER A 137 -22.19 -13.78 -0.50
C SER A 137 -22.79 -12.52 -1.09
N GLY A 138 -22.40 -12.13 -2.31
CA GLY A 138 -22.78 -10.84 -2.84
C GLY A 138 -21.99 -9.66 -2.30
N LEU A 139 -20.97 -9.91 -1.49
CA LEU A 139 -20.13 -8.86 -0.93
C LEU A 139 -18.69 -9.04 -1.37
N TRP A 140 -17.91 -7.97 -1.27
CA TRP A 140 -16.48 -8.07 -1.58
C TRP A 140 -15.74 -7.02 -0.76
N PHE A 141 -14.43 -7.22 -0.63
CA PHE A 141 -13.57 -6.19 -0.03
C PHE A 141 -12.82 -5.47 -1.14
N PRO A 142 -12.96 -4.15 -1.30
CA PRO A 142 -12.44 -3.47 -2.51
C PRO A 142 -11.00 -2.98 -2.51
N VAL A 143 -10.36 -2.78 -1.35
CA VAL A 143 -9.05 -2.13 -1.39
C VAL A 143 -8.05 -3.10 -1.97
N ASP A 144 -7.46 -2.74 -3.13
CA ASP A 144 -6.72 -3.69 -3.97
C ASP A 144 -5.31 -3.22 -4.32
N PRO A 145 -4.36 -3.36 -3.40
CA PRO A 145 -2.95 -3.26 -3.80
C PRO A 145 -2.61 -4.33 -4.82
N GLY A 146 -1.64 -4.06 -5.68
CA GLY A 146 -1.30 -5.03 -6.70
C GLY A 146 -0.84 -6.35 -6.13
N ALA A 147 -0.12 -6.31 -5.01
CA ALA A 147 0.47 -7.48 -4.39
C ALA A 147 -0.56 -8.24 -3.57
N ASP A 148 -0.30 -9.54 -3.36
CA ASP A 148 -1.17 -10.38 -2.55
C ASP A 148 -0.76 -10.18 -1.09
N ALA A 149 -1.16 -9.04 -0.55
CA ALA A 149 -0.65 -8.61 0.75
C ALA A 149 -1.55 -9.03 1.89
N SER A 150 -0.95 -9.16 3.08
CA SER A 150 -1.72 -9.30 4.31
C SER A 150 -2.64 -8.11 4.50
N LEU A 151 -3.92 -8.38 4.87
CA LEU A 151 -4.86 -7.28 5.09
C LEU A 151 -4.46 -6.48 6.33
N CYS A 152 -3.93 -7.15 7.34
CA CYS A 152 -3.45 -6.41 8.51
C CYS A 152 -2.22 -5.58 8.16
N GLY A 153 -1.38 -6.09 7.26
CA GLY A 153 -0.26 -5.30 6.77
C GLY A 153 -0.75 -4.08 6.00
N MET A 154 -1.82 -4.27 5.22
CA MET A 154 -2.45 -3.15 4.51
C MET A 154 -2.99 -2.12 5.49
N ALA A 155 -3.60 -2.57 6.59
CA ALA A 155 -4.02 -1.62 7.63
C ALA A 155 -2.80 -0.90 8.24
N ALA A 156 -1.70 -1.63 8.47
CA ALA A 156 -0.51 -1.01 9.03
C ALA A 156 0.08 0.04 8.12
N THR A 157 0.07 -0.18 6.80
CA THR A 157 0.69 0.81 5.90
C THR A 157 -0.26 1.91 5.47
N GLY A 158 -1.55 1.76 5.71
CA GLY A 158 -2.53 2.72 5.18
C GLY A 158 -2.77 2.56 3.70
N ALA A 159 -2.82 1.32 3.22
CA ALA A 159 -2.81 1.04 1.78
C ALA A 159 -4.04 1.60 1.04
N SER A 160 -3.88 1.73 -0.28
CA SER A 160 -5.06 1.96 -1.10
C SER A 160 -4.90 1.12 -2.36
N GLY A 161 -5.53 1.50 -3.45
CA GLY A 161 -5.40 0.71 -4.67
C GLY A 161 -6.30 1.31 -5.74
N THR A 162 -6.45 0.55 -6.84
CA THR A 162 -7.21 1.09 -7.96
C THR A 162 -8.67 1.35 -7.61
N ASN A 163 -9.23 0.58 -6.67
CA ASN A 163 -10.64 0.78 -6.37
C ASN A 163 -10.90 1.94 -5.40
N ALA A 164 -9.86 2.58 -4.85
CA ALA A 164 -10.07 3.53 -3.76
C ALA A 164 -10.80 4.79 -4.21
N VAL A 165 -10.61 5.21 -5.46
CA VAL A 165 -11.29 6.41 -5.93
C VAL A 165 -12.80 6.32 -5.74
N ARG A 166 -13.38 5.12 -5.78
CA ARG A 166 -14.80 4.95 -5.53
C ARG A 166 -15.10 4.40 -4.13
N TYR A 167 -14.31 3.44 -3.65
CA TYR A 167 -14.71 2.64 -2.49
C TYR A 167 -13.86 2.94 -1.26
N GLY A 168 -12.87 3.81 -1.37
CA GLY A 168 -12.09 4.28 -0.23
C GLY A 168 -10.79 3.51 -0.01
N THR A 169 -9.96 4.08 0.87
CA THR A 169 -8.67 3.49 1.22
C THR A 169 -8.85 2.56 2.41
N MET A 170 -7.75 2.00 2.93
CA MET A 170 -7.87 1.25 4.18
C MET A 170 -8.39 2.14 5.29
N ARG A 171 -8.00 3.42 5.30
CA ARG A 171 -8.47 4.29 6.38
C ARG A 171 -9.98 4.39 6.37
N ASP A 172 -10.58 4.39 5.16
CA ASP A 172 -12.03 4.48 5.04
C ASP A 172 -12.72 3.17 5.39
N ASN A 173 -12.01 2.06 5.31
CA ASN A 173 -12.65 0.75 5.38
C ASN A 173 -12.22 -0.09 6.57
N VAL A 174 -11.36 0.43 7.45
CA VAL A 174 -11.02 -0.26 8.69
C VAL A 174 -11.93 0.30 9.79
N ILE A 175 -12.73 -0.58 10.37
CA ILE A 175 -13.71 -0.25 11.40
C ILE A 175 -13.15 -0.42 12.81
N ASN A 176 -12.19 -1.33 13.00
CA ASN A 176 -11.69 -1.67 14.33
C ASN A 176 -10.38 -2.40 14.11
N LEU A 177 -9.50 -2.35 15.11
CA LEU A 177 -8.23 -3.06 15.07
C LEU A 177 -8.00 -3.71 16.42
N GLU A 178 -7.44 -4.91 16.39
CA GLU A 178 -6.89 -5.54 17.58
C GLU A 178 -5.39 -5.36 17.53
N VAL A 179 -4.82 -4.72 18.56
CA VAL A 179 -3.41 -4.33 18.54
C VAL A 179 -2.75 -4.84 19.81
N VAL A 180 -1.63 -5.55 19.65
CA VAL A 180 -0.75 -5.83 20.78
C VAL A 180 0.22 -4.66 20.89
N LEU A 181 0.12 -3.93 22.02
CA LEU A 181 1.02 -2.80 22.22
C LEU A 181 2.43 -3.28 22.52
N PRO A 182 3.42 -2.40 22.43
CA PRO A 182 4.82 -2.86 22.54
C PRO A 182 5.11 -3.65 23.81
N ASP A 183 4.51 -3.29 24.94
CA ASP A 183 4.76 -4.03 26.16
C ASP A 183 3.88 -5.26 26.33
N GLY A 184 3.06 -5.61 25.32
CA GLY A 184 2.25 -6.81 25.38
C GLY A 184 0.78 -6.62 25.72
N ARG A 185 0.36 -5.43 26.15
CA ARG A 185 -1.06 -5.22 26.41
C ARG A 185 -1.89 -5.34 25.13
N LEU A 186 -3.13 -5.79 25.27
CA LEU A 186 -4.03 -6.00 24.14
C LEU A 186 -5.05 -4.87 24.08
N LEU A 187 -5.05 -4.14 22.96
CA LEU A 187 -5.95 -3.02 22.73
C LEU A 187 -6.89 -3.35 21.57
N HIS A 188 -8.19 -3.17 21.80
CA HIS A 188 -9.18 -3.14 20.73
C HIS A 188 -9.53 -1.68 20.50
N THR A 189 -9.13 -1.14 19.35
CA THR A 189 -9.05 0.31 19.26
C THR A 189 -10.41 0.95 19.40
N ALA A 190 -11.46 0.31 18.88
CA ALA A 190 -12.81 0.80 19.05
C ALA A 190 -13.63 -0.03 20.02
N GLY A 191 -12.99 -0.92 20.76
CA GLY A 191 -13.72 -1.76 21.71
C GLY A 191 -13.84 -3.19 21.19
N ARG A 192 -13.70 -4.16 22.10
CA ARG A 192 -13.70 -5.55 21.67
C ARG A 192 -15.03 -5.95 21.05
N GLY A 193 -14.96 -6.45 19.81
CA GLY A 193 -16.13 -6.96 19.14
C GLY A 193 -17.02 -5.90 18.49
N ARG A 194 -16.64 -4.62 18.58
CA ARG A 194 -17.55 -3.58 18.10
C ARG A 194 -17.40 -3.34 16.61
N HIS A 195 -18.53 -2.98 15.99
CA HIS A 195 -18.52 -2.62 14.57
C HIS A 195 -19.73 -1.75 14.36
N TYR A 196 -19.54 -0.63 13.67
CA TYR A 196 -20.62 0.34 13.50
C TYR A 196 -20.19 1.30 12.40
N ARG A 197 -21.14 2.13 11.95
CA ARG A 197 -20.87 3.02 10.82
C ARG A 197 -20.17 4.31 11.25
N LYS A 198 -20.45 4.82 12.44
CA LYS A 198 -19.83 6.08 12.88
C LYS A 198 -19.84 6.11 14.39
N SER A 199 -18.92 6.89 14.94
CA SER A 199 -18.83 7.06 16.39
C SER A 199 -18.13 8.37 16.72
N ALA A 200 -18.60 9.03 17.77
CA ALA A 200 -17.91 10.14 18.42
C ALA A 200 -17.44 9.78 19.82
N ALA A 201 -17.30 8.49 20.13
CA ALA A 201 -17.01 8.09 21.52
C ALA A 201 -15.53 8.18 21.83
N GLY A 202 -15.14 9.26 22.50
CA GLY A 202 -13.75 9.38 22.89
C GLY A 202 -12.90 9.78 21.70
N TYR A 203 -11.60 9.50 21.79
CA TYR A 203 -10.71 9.77 20.67
C TYR A 203 -10.69 8.57 19.74
N ASN A 204 -10.59 8.84 18.44
CA ASN A 204 -10.64 7.74 17.48
C ASN A 204 -9.28 7.07 17.47
N LEU A 205 -9.15 5.96 18.20
CA LEU A 205 -7.86 5.27 18.22
C LEU A 205 -7.61 4.46 16.96
N THR A 206 -8.67 4.01 16.29
CA THR A 206 -8.47 3.19 15.10
C THR A 206 -7.66 3.92 14.05
N GLY A 207 -7.96 5.20 13.83
CA GLY A 207 -7.23 5.92 12.79
C GLY A 207 -5.78 6.20 13.14
N LEU A 208 -5.43 6.20 14.42
CA LEU A 208 -4.02 6.35 14.78
C LEU A 208 -3.20 5.14 14.38
N PHE A 209 -3.75 3.94 14.50
CA PHE A 209 -2.97 2.76 14.19
C PHE A 209 -3.00 2.39 12.72
N VAL A 210 -4.01 2.85 11.96
CA VAL A 210 -3.93 2.69 10.51
C VAL A 210 -2.81 3.58 10.00
N GLY A 211 -1.92 3.01 9.21
CA GLY A 211 -0.77 3.78 8.74
C GLY A 211 0.34 3.97 9.74
N SER A 212 0.38 3.17 10.81
CA SER A 212 1.46 3.29 11.80
C SER A 212 2.68 2.44 11.46
N GLU A 213 2.59 1.54 10.46
CA GLU A 213 3.75 0.86 9.87
C GLU A 213 4.50 0.00 10.88
N GLY A 214 3.81 -0.47 11.93
CA GLY A 214 4.46 -1.31 12.92
C GLY A 214 5.32 -0.58 13.92
N THR A 215 5.20 0.75 13.99
CA THR A 215 5.94 1.54 14.96
C THR A 215 5.17 1.84 16.23
N LEU A 216 3.87 1.52 16.30
CA LEU A 216 3.07 1.78 17.51
C LEU A 216 2.52 0.51 18.14
N GLY A 217 2.69 -0.65 17.52
CA GLY A 217 2.13 -1.89 18.03
C GLY A 217 1.91 -2.84 16.88
N ILE A 218 1.43 -4.03 17.23
CA ILE A 218 1.29 -5.15 16.29
C ILE A 218 -0.19 -5.40 16.05
N ILE A 219 -0.64 -5.23 14.80
CA ILE A 219 -2.04 -5.49 14.49
C ILE A 219 -2.25 -6.99 14.39
N THR A 220 -3.13 -7.52 15.22
CA THR A 220 -3.38 -8.95 15.21
C THR A 220 -4.76 -9.31 14.70
N SER A 221 -5.64 -8.34 14.52
CA SER A 221 -6.81 -8.55 13.68
C SER A 221 -7.31 -7.20 13.20
N THR A 222 -8.02 -7.23 12.08
CA THR A 222 -8.62 -6.03 11.52
C THR A 222 -10.09 -6.30 11.24
N THR A 223 -10.96 -5.37 11.63
CA THR A 223 -12.39 -5.44 11.28
C THR A 223 -12.60 -4.56 10.06
N LEU A 224 -13.08 -5.15 8.96
CA LEU A 224 -13.14 -4.50 7.67
C LEU A 224 -14.57 -4.24 7.25
N ARG A 225 -14.78 -3.09 6.61
CA ARG A 225 -16.04 -2.80 5.92
C ARG A 225 -16.08 -3.55 4.60
N LEU A 226 -17.15 -4.30 4.39
CA LEU A 226 -17.45 -4.95 3.12
C LEU A 226 -18.43 -4.11 2.31
N HIS A 227 -18.46 -4.38 1.01
CA HIS A 227 -19.31 -3.64 0.08
C HIS A 227 -20.11 -4.60 -0.78
N PRO A 228 -21.30 -4.18 -1.22
CA PRO A 228 -22.04 -4.97 -2.21
C PRO A 228 -21.29 -5.07 -3.53
N ALA A 229 -21.32 -6.25 -4.12
CA ALA A 229 -20.81 -6.41 -5.47
C ALA A 229 -21.61 -5.54 -6.42
N PRO A 230 -20.97 -4.94 -7.42
CA PRO A 230 -21.68 -4.08 -8.36
C PRO A 230 -22.66 -4.88 -9.21
N GLU A 231 -23.80 -4.26 -9.52
CA GLU A 231 -24.80 -4.91 -10.35
C GLU A 231 -24.24 -5.28 -11.71
N ALA A 232 -23.46 -4.37 -12.30
CA ALA A 232 -22.87 -4.63 -13.61
C ALA A 232 -21.55 -3.88 -13.70
N THR A 233 -20.63 -4.42 -14.50
CA THR A 233 -19.29 -3.88 -14.63
C THR A 233 -18.89 -3.77 -16.08
N VAL A 234 -18.26 -2.66 -16.46
CA VAL A 234 -17.64 -2.51 -17.77
C VAL A 234 -16.26 -1.90 -17.58
N ALA A 235 -15.27 -2.47 -18.24
CA ALA A 235 -13.91 -1.94 -18.20
C ALA A 235 -13.51 -1.53 -19.61
N ALA A 236 -12.61 -0.55 -19.69
CA ALA A 236 -12.19 -0.08 -21.01
C ALA A 236 -10.82 0.56 -20.90
N THR A 237 -10.13 0.64 -22.04
CA THR A 237 -8.90 1.42 -22.10
C THR A 237 -9.08 2.55 -23.12
N CYS A 238 -8.33 3.62 -22.93
CA CYS A 238 -8.46 4.81 -23.77
C CYS A 238 -7.06 5.40 -23.96
N ALA A 239 -6.62 5.50 -25.21
CA ALA A 239 -5.29 5.98 -25.54
C ALA A 239 -5.33 7.46 -25.89
N PHE A 240 -4.31 8.19 -25.47
CA PHE A 240 -4.27 9.63 -25.60
C PHE A 240 -3.03 10.06 -26.35
N PRO A 241 -3.04 11.27 -26.91
CA PRO A 241 -1.86 11.74 -27.66
C PRO A 241 -0.74 12.23 -26.76
N SER A 242 -1.03 12.51 -25.48
CA SER A 242 -0.02 13.08 -24.60
C SER A 242 -0.44 12.81 -23.16
N VAL A 243 0.54 12.90 -22.28
CA VAL A 243 0.29 12.86 -20.84
C VAL A 243 -0.66 13.97 -20.44
N GLN A 244 -0.42 15.19 -20.94
CA GLN A 244 -1.30 16.30 -20.64
C GLN A 244 -2.75 15.98 -20.97
N ALA A 245 -3.00 15.36 -22.13
CA ALA A 245 -4.38 15.10 -22.50
C ALA A 245 -5.01 14.06 -21.57
N ALA A 246 -4.24 13.06 -21.15
CA ALA A 246 -4.77 12.00 -20.29
C ALA A 246 -5.09 12.53 -18.91
N VAL A 247 -4.22 13.38 -18.38
CA VAL A 247 -4.42 13.84 -17.00
C VAL A 247 -5.46 14.96 -16.95
N ASP A 248 -5.54 15.80 -18.00
CA ASP A 248 -6.63 16.76 -18.07
C ASP A 248 -7.98 16.07 -18.12
N SER A 249 -8.08 14.98 -18.90
CA SER A 249 -9.31 14.21 -18.93
C SER A 249 -9.66 13.70 -17.54
N THR A 250 -8.66 13.19 -16.83
CA THR A 250 -8.87 12.69 -15.47
C THR A 250 -9.42 13.78 -14.57
N VAL A 251 -8.76 14.94 -14.53
CA VAL A 251 -9.23 16.03 -13.68
C VAL A 251 -10.65 16.42 -14.04
N GLN A 252 -10.94 16.48 -15.35
CA GLN A 252 -12.28 16.88 -15.77
C GLN A 252 -13.32 15.83 -15.46
N ILE A 253 -12.94 14.54 -15.51
CA ILE A 253 -13.87 13.48 -15.09
C ILE A 253 -14.20 13.63 -13.62
N LEU A 254 -13.19 13.91 -12.79
CA LEU A 254 -13.44 14.08 -11.35
C LEU A 254 -14.23 15.35 -11.08
N GLN A 255 -13.94 16.42 -11.80
CA GLN A 255 -14.66 17.66 -11.58
C GLN A 255 -16.10 17.55 -12.04
N ALA A 256 -16.37 16.72 -13.05
CA ALA A 256 -17.73 16.44 -13.48
C ALA A 256 -18.45 15.48 -12.56
N ALA A 257 -17.77 14.95 -11.55
CA ALA A 257 -18.36 14.09 -10.52
C ALA A 257 -18.88 12.76 -11.09
N VAL A 258 -18.26 12.25 -12.16
CA VAL A 258 -18.59 10.90 -12.64
C VAL A 258 -18.09 9.89 -11.62
N PRO A 259 -18.95 9.03 -11.03
CA PRO A 259 -18.49 8.09 -9.99
C PRO A 259 -17.77 6.87 -10.56
N VAL A 260 -16.68 7.13 -11.29
CA VAL A 260 -15.91 6.06 -11.90
C VAL A 260 -15.44 5.10 -10.83
N ALA A 261 -15.43 3.80 -11.16
CA ALA A 261 -15.00 2.82 -10.17
C ALA A 261 -13.49 2.72 -10.12
N ARG A 262 -12.83 2.83 -11.27
CA ARG A 262 -11.40 2.79 -11.38
C ARG A 262 -10.98 3.75 -12.47
N ILE A 263 -9.90 4.50 -12.23
CA ILE A 263 -9.30 5.32 -13.28
C ILE A 263 -7.78 5.35 -13.05
N GLU A 264 -7.07 4.57 -13.87
CA GLU A 264 -5.65 4.31 -13.71
C GLU A 264 -4.89 4.88 -14.89
N PHE A 265 -3.84 5.62 -14.63
CA PHE A 265 -3.02 6.17 -15.70
C PHE A 265 -1.77 5.33 -15.90
N LEU A 266 -1.40 5.11 -17.17
CA LEU A 266 -0.12 4.51 -17.53
C LEU A 266 0.51 5.40 -18.58
N ASP A 267 1.76 5.77 -18.40
CA ASP A 267 2.44 6.49 -19.47
C ASP A 267 2.86 5.51 -20.57
N ASP A 268 3.44 6.03 -21.65
CA ASP A 268 3.74 5.12 -22.77
C ASP A 268 4.79 4.10 -22.38
N VAL A 269 5.76 4.48 -21.55
CA VAL A 269 6.77 3.54 -21.09
C VAL A 269 6.12 2.40 -20.32
N MET A 270 5.21 2.73 -19.40
CA MET A 270 4.55 1.71 -18.60
C MET A 270 3.63 0.84 -19.46
N MET A 271 2.92 1.44 -20.40
CA MET A 271 2.03 0.67 -21.27
C MET A 271 2.83 -0.36 -22.06
N ASP A 272 3.96 0.08 -22.64
CA ASP A 272 4.83 -0.85 -23.37
C ASP A 272 5.33 -1.97 -22.45
N ALA A 273 5.82 -1.61 -21.26
CA ALA A 273 6.30 -2.62 -20.33
C ALA A 273 5.21 -3.64 -19.99
N CYS A 274 3.99 -3.16 -19.73
CA CYS A 274 2.89 -4.07 -19.39
C CYS A 274 2.50 -4.95 -20.58
N ASN A 275 2.56 -4.39 -21.79
CA ASN A 275 2.33 -5.19 -23.00
C ASN A 275 3.31 -6.36 -23.05
N ARG A 276 4.58 -6.09 -22.78
CA ARG A 276 5.59 -7.12 -22.93
C ARG A 276 5.55 -8.13 -21.78
N HIS A 277 5.09 -7.72 -20.60
CA HIS A 277 5.06 -8.58 -19.44
C HIS A 277 3.81 -9.44 -19.36
N SER A 278 2.68 -8.95 -19.86
CA SER A 278 1.41 -9.64 -19.75
C SER A 278 0.81 -10.01 -21.09
N LYS A 279 1.52 -9.73 -22.19
CA LYS A 279 1.02 -10.01 -23.53
C LYS A 279 -0.34 -9.36 -23.77
N LEU A 280 -0.60 -8.23 -23.12
CA LEU A 280 -1.54 -7.29 -23.71
C LEU A 280 -0.92 -6.72 -24.96
N ASN A 281 -1.74 -6.10 -25.80
CA ASN A 281 -1.19 -5.32 -26.91
C ASN A 281 -2.06 -4.10 -27.13
N CYS A 282 -2.14 -3.27 -26.09
CA CYS A 282 -2.72 -1.95 -26.23
C CYS A 282 -1.77 -1.07 -27.04
N PRO A 283 -2.30 -0.07 -27.73
CA PRO A 283 -1.44 0.95 -28.34
C PRO A 283 -0.49 1.55 -27.31
N VAL A 284 0.76 1.70 -27.70
CA VAL A 284 1.80 2.27 -26.83
C VAL A 284 1.62 3.79 -26.84
N ALA A 285 1.08 4.31 -25.74
CA ALA A 285 0.57 5.67 -25.64
C ALA A 285 0.20 5.90 -24.20
N PRO A 286 0.18 7.16 -23.75
CA PRO A 286 -0.41 7.45 -22.43
C PRO A 286 -1.86 7.01 -22.43
N THR A 287 -2.24 6.26 -21.40
CA THR A 287 -3.45 5.46 -21.46
C THR A 287 -4.17 5.55 -20.13
N LEU A 288 -5.49 5.57 -20.19
CA LEU A 288 -6.32 5.37 -19.00
C LEU A 288 -6.96 3.98 -19.07
N PHE A 289 -6.83 3.23 -17.97
CA PHE A 289 -7.67 2.06 -17.73
C PHE A 289 -8.85 2.51 -16.87
N LEU A 290 -10.06 2.27 -17.35
CA LEU A 290 -11.26 2.73 -16.67
C LEU A 290 -12.15 1.55 -16.32
N GLU A 291 -12.92 1.71 -15.25
CA GLU A 291 -13.97 0.76 -14.96
C GLU A 291 -15.16 1.49 -14.36
N PHE A 292 -16.37 1.04 -14.71
CA PHE A 292 -17.62 1.65 -14.30
C PHE A 292 -18.49 0.58 -13.66
N HIS A 293 -19.15 0.95 -12.56
CA HIS A 293 -20.05 0.07 -11.84
C HIS A 293 -21.43 0.71 -11.81
N GLY A 294 -22.47 -0.11 -11.96
CA GLY A 294 -23.82 0.39 -11.84
C GLY A 294 -24.79 -0.57 -12.52
N SER A 295 -26.04 -0.13 -12.58
CA SER A 295 -27.01 -0.88 -13.36
C SER A 295 -26.73 -0.69 -14.84
N GLN A 296 -27.30 -1.59 -15.65
CA GLN A 296 -27.13 -1.50 -17.11
C GLN A 296 -27.29 -0.09 -17.62
N GLN A 297 -28.14 0.68 -16.98
CA GLN A 297 -28.47 1.98 -17.53
C GLN A 297 -27.63 3.10 -16.89
N THR A 298 -27.39 3.06 -15.57
CA THR A 298 -26.55 4.12 -15.00
C THR A 298 -25.14 4.06 -15.58
N LEU A 299 -24.71 2.87 -15.99
CA LEU A 299 -23.49 2.73 -16.79
C LEU A 299 -23.56 3.57 -18.06
N ALA A 300 -24.66 3.47 -18.80
CA ALA A 300 -24.75 4.18 -20.08
C ALA A 300 -24.63 5.68 -19.88
N GLU A 301 -25.22 6.20 -18.81
CA GLU A 301 -25.06 7.61 -18.49
C GLU A 301 -23.59 7.93 -18.14
N GLN A 302 -22.97 7.11 -17.28
CA GLN A 302 -21.59 7.36 -16.93
C GLN A 302 -20.68 7.30 -18.15
N LEU A 303 -20.90 6.30 -19.01
CA LEU A 303 -20.06 6.13 -20.18
C LEU A 303 -20.17 7.31 -21.13
N GLN A 304 -21.39 7.77 -21.39
CA GLN A 304 -21.61 8.92 -22.26
C GLN A 304 -20.85 10.14 -21.74
N ARG A 305 -21.04 10.45 -20.46
CA ARG A 305 -20.39 11.64 -19.89
C ARG A 305 -18.88 11.49 -19.90
N THR A 306 -18.38 10.27 -19.66
CA THR A 306 -16.94 10.06 -19.62
C THR A 306 -16.35 10.07 -21.02
N GLU A 307 -16.98 9.40 -21.97
CA GLU A 307 -16.49 9.46 -23.36
C GLU A 307 -16.49 10.88 -23.89
N ALA A 308 -17.49 11.68 -23.52
CA ALA A 308 -17.52 13.06 -23.99
C ALA A 308 -16.28 13.84 -23.55
N ILE A 309 -15.86 13.65 -22.29
CA ILE A 309 -14.69 14.38 -21.79
C ILE A 309 -13.42 13.84 -22.41
N THR A 310 -13.28 12.52 -22.48
CA THR A 310 -12.06 11.98 -23.08
C THR A 310 -11.97 12.35 -24.55
N GLN A 311 -13.11 12.42 -25.25
CA GLN A 311 -13.07 12.81 -26.66
C GLN A 311 -12.60 14.24 -26.85
N ASP A 312 -13.02 15.15 -25.97
CA ASP A 312 -12.57 16.53 -26.05
C ASP A 312 -11.06 16.66 -25.88
N ASN A 313 -10.42 15.71 -25.21
CA ASN A 313 -8.98 15.75 -24.98
C ASN A 313 -8.22 14.81 -25.90
N GLY A 314 -8.85 14.35 -26.98
CA GLY A 314 -8.16 13.52 -27.94
C GLY A 314 -8.12 12.05 -27.61
N GLY A 315 -8.88 11.59 -26.62
CA GLY A 315 -8.87 10.18 -26.31
C GLY A 315 -9.46 9.37 -27.44
N SER A 316 -8.97 8.14 -27.56
CA SER A 316 -9.48 7.18 -28.52
C SER A 316 -10.89 6.71 -28.13
N HIS A 317 -11.58 6.12 -29.09
CA HIS A 317 -12.81 5.43 -28.74
C HIS A 317 -12.47 4.30 -27.77
N PHE A 318 -13.32 4.11 -26.77
CA PHE A 318 -13.01 3.14 -25.72
C PHE A 318 -12.79 1.76 -26.31
N SER A 319 -11.69 1.12 -25.94
CA SER A 319 -11.46 -0.28 -26.26
C SER A 319 -11.99 -1.15 -25.12
N TRP A 320 -13.13 -1.78 -25.35
CA TRP A 320 -13.87 -2.39 -24.26
C TRP A 320 -13.28 -3.75 -23.86
N ALA A 321 -13.61 -4.14 -22.64
CA ALA A 321 -13.34 -5.49 -22.14
C ALA A 321 -14.44 -5.83 -21.16
N ALA A 324 -15.66 -11.64 -18.68
CA ALA A 324 -15.00 -11.68 -17.38
C ALA A 324 -13.51 -11.80 -17.56
N GLU A 325 -13.10 -12.74 -18.43
CA GLU A 325 -11.69 -13.01 -18.56
C GLU A 325 -10.92 -11.80 -19.07
N LYS A 326 -11.46 -11.08 -20.05
CA LYS A 326 -10.74 -9.92 -20.61
C LYS A 326 -10.50 -8.85 -19.55
N ARG A 327 -11.52 -8.49 -18.77
CA ARG A 327 -11.32 -7.55 -17.68
C ARG A 327 -10.28 -8.07 -16.70
N ASN A 328 -10.37 -9.35 -16.34
CA ASN A 328 -9.44 -9.91 -15.36
C ASN A 328 -7.99 -9.79 -15.83
N GLU A 329 -7.73 -10.03 -17.13
CA GLU A 329 -6.37 -9.89 -17.65
C GLU A 329 -5.94 -8.43 -17.69
N LEU A 330 -6.87 -7.51 -17.96
CA LEU A 330 -6.53 -6.10 -17.94
C LEU A 330 -6.07 -5.67 -16.55
N TRP A 331 -6.84 -5.98 -15.51
CA TRP A 331 -6.45 -5.51 -14.19
C TRP A 331 -5.32 -6.34 -13.59
N ALA A 332 -5.19 -7.63 -13.97
CA ALA A 332 -4.00 -8.38 -13.56
C ALA A 332 -2.74 -7.73 -14.10
N ALA A 333 -2.78 -7.30 -15.37
CA ALA A 333 -1.64 -6.59 -15.94
C ALA A 333 -1.33 -5.32 -15.16
N ARG A 334 -2.37 -4.56 -14.78
CA ARG A 334 -2.13 -3.34 -14.01
C ARG A 334 -1.55 -3.68 -12.64
N HIS A 335 -2.08 -4.71 -11.98
CA HIS A 335 -1.58 -5.08 -10.66
C HIS A 335 -0.14 -5.55 -10.70
N ASN A 336 0.34 -5.99 -11.87
CA ASN A 336 1.72 -6.44 -12.00
C ASN A 336 2.63 -5.39 -12.63
N ALA A 337 2.17 -4.15 -12.73
CA ALA A 337 2.96 -3.07 -13.31
C ALA A 337 4.35 -2.95 -12.65
N TRP A 338 4.42 -3.18 -11.34
CA TRP A 338 5.71 -3.15 -10.66
C TRP A 338 6.67 -4.14 -11.28
N TYR A 339 6.21 -5.37 -11.51
CA TYR A 339 7.10 -6.38 -12.05
C TYR A 339 7.34 -6.17 -13.54
N ALA A 340 6.35 -5.60 -14.24
CA ALA A 340 6.55 -5.24 -15.64
C ALA A 340 7.67 -4.22 -15.78
N ALA A 341 7.68 -3.20 -14.91
CA ALA A 341 8.75 -2.22 -14.93
C ALA A 341 10.10 -2.87 -14.63
N LEU A 342 10.14 -3.77 -13.65
CA LEU A 342 11.41 -4.41 -13.31
C LEU A 342 11.95 -5.22 -14.49
N ALA A 343 11.06 -5.84 -15.25
CA ALA A 343 11.43 -6.66 -16.41
C ALA A 343 12.05 -5.85 -17.53
N LEU A 344 11.95 -4.52 -17.49
CA LEU A 344 12.63 -3.70 -18.51
C LEU A 344 14.14 -3.80 -18.40
N SER A 345 14.66 -4.21 -17.25
CA SER A 345 16.10 -4.32 -17.03
C SER A 345 16.35 -5.42 -16.02
N PRO A 346 16.45 -6.67 -16.48
CA PRO A 346 16.58 -7.79 -15.53
C PRO A 346 17.79 -7.63 -14.62
N GLY A 347 17.62 -8.08 -13.38
CA GLY A 347 18.62 -7.86 -12.35
C GLY A 347 18.49 -6.55 -11.60
N SER A 348 17.69 -5.60 -12.10
CA SER A 348 17.52 -4.35 -11.38
C SER A 348 16.52 -4.50 -10.24
N LYS A 349 16.63 -3.58 -9.28
CA LYS A 349 15.62 -3.36 -8.25
C LYS A 349 14.91 -2.05 -8.56
N ALA A 350 13.89 -1.71 -7.75
CA ALA A 350 13.04 -0.58 -8.08
C ALA A 350 12.76 0.24 -6.83
N TYR A 351 12.54 1.54 -7.03
CA TYR A 351 12.06 2.43 -5.99
C TYR A 351 10.91 3.25 -6.56
N SER A 352 9.82 3.36 -5.82
CA SER A 352 8.64 4.06 -6.32
C SER A 352 8.44 5.36 -5.56
N THR A 353 8.09 6.41 -6.29
CA THR A 353 7.54 7.59 -5.66
C THR A 353 6.05 7.39 -5.48
N ASP A 354 5.42 8.28 -4.73
CA ASP A 354 4.03 8.04 -4.35
C ASP A 354 3.33 9.34 -3.98
N VAL A 355 3.68 10.45 -4.63
CA VAL A 355 3.12 11.73 -4.19
C VAL A 355 1.62 11.78 -4.45
N CYS A 356 0.93 12.62 -3.68
CA CYS A 356 -0.49 12.87 -3.90
C CYS A 356 -0.69 14.37 -3.75
N VAL A 357 -1.24 15.01 -4.76
CA VAL A 357 -1.38 16.47 -4.80
C VAL A 357 -2.86 16.81 -4.96
N PRO A 358 -3.23 18.07 -4.67
CA PRO A 358 -4.59 18.55 -5.02
C PRO A 358 -4.82 18.31 -6.50
N ILE A 359 -6.03 17.86 -6.85
CA ILE A 359 -6.22 17.28 -8.19
C ILE A 359 -5.94 18.31 -9.29
N SER A 360 -6.23 19.59 -9.02
CA SER A 360 -6.02 20.57 -10.08
C SER A 360 -4.55 20.75 -10.40
N ARG A 361 -3.64 20.36 -9.50
CA ARG A 361 -2.21 20.45 -9.74
C ARG A 361 -1.63 19.19 -10.33
N LEU A 362 -2.43 18.13 -10.46
CA LEU A 362 -1.92 16.87 -11.00
C LEU A 362 -1.38 17.02 -12.42
N PRO A 363 -2.03 17.74 -13.34
CA PRO A 363 -1.43 17.86 -14.68
C PRO A 363 -0.05 18.47 -14.66
N GLU A 364 0.16 19.55 -13.89
CA GLU A 364 1.47 20.19 -13.84
C GLU A 364 2.54 19.21 -13.39
N ILE A 365 2.32 18.53 -12.26
CA ILE A 365 3.38 17.69 -11.71
C ILE A 365 3.58 16.41 -12.52
N LEU A 366 2.51 15.86 -13.11
CA LEU A 366 2.71 14.64 -13.89
C LEU A 366 3.48 14.96 -15.16
N VAL A 367 3.12 16.06 -15.82
CA VAL A 367 3.80 16.43 -17.07
C VAL A 367 5.24 16.80 -16.78
N GLU A 368 5.47 17.53 -15.68
CA GLU A 368 6.85 17.85 -15.29
C GLU A 368 7.64 16.60 -14.96
N THR A 369 7.01 15.59 -14.34
CA THR A 369 7.72 14.37 -14.02
C THR A 369 8.12 13.64 -15.29
N LYS A 370 7.19 13.55 -16.24
CA LYS A 370 7.48 12.94 -17.54
C LYS A 370 8.65 13.63 -18.21
N GLU A 371 8.64 14.97 -18.24
CA GLU A 371 9.75 15.73 -18.83
C GLU A 371 11.06 15.48 -18.08
N GLU A 372 10.98 15.36 -16.76
CA GLU A 372 12.20 15.15 -15.98
C GLU A 372 12.77 13.75 -16.18
N ILE A 373 11.91 12.73 -16.27
CA ILE A 373 12.41 11.39 -16.53
C ILE A 373 13.03 11.33 -17.91
N LYS A 374 12.43 12.03 -18.88
CA LYS A 374 12.99 12.04 -20.24
C LYS A 374 14.37 12.68 -20.26
N ALA A 375 14.52 13.82 -19.59
CA ALA A 375 15.81 14.53 -19.56
C ALA A 375 16.88 13.78 -18.76
N SER A 376 16.50 12.78 -17.97
CA SER A 376 17.43 12.07 -17.13
C SER A 376 17.92 10.79 -17.81
N LYS A 377 18.99 10.22 -17.27
CA LYS A 377 19.46 8.93 -17.76
C LYS A 377 18.72 7.75 -17.14
N LEU A 378 17.80 8.01 -16.21
CA LEU A 378 17.12 6.94 -15.51
C LEU A 378 16.03 6.31 -16.36
N THR A 379 15.79 5.04 -16.10
CA THR A 379 14.61 4.35 -16.61
C THR A 379 13.49 4.51 -15.60
N GLY A 380 12.42 5.19 -16.00
CA GLY A 380 11.29 5.35 -15.13
C GLY A 380 10.00 5.09 -15.87
N ALA A 381 9.06 4.43 -15.21
CA ALA A 381 7.73 4.21 -15.74
C ALA A 381 6.72 4.88 -14.81
N ILE A 382 5.68 5.46 -15.38
CA ILE A 382 4.68 6.20 -14.60
C ILE A 382 3.36 5.44 -14.63
N VAL A 383 2.77 5.24 -13.46
CA VAL A 383 1.50 4.55 -13.35
C VAL A 383 0.82 5.10 -12.11
N GLY A 384 -0.51 5.15 -12.11
CA GLY A 384 -1.08 5.26 -10.79
C GLY A 384 -2.51 5.76 -10.72
N HIS A 385 -2.90 5.95 -9.44
CA HIS A 385 -4.26 6.20 -8.99
C HIS A 385 -4.56 7.68 -9.14
N VAL A 386 -4.58 8.13 -10.40
CA VAL A 386 -4.75 9.55 -10.66
C VAL A 386 -6.14 10.04 -10.27
N GLY A 387 -7.11 9.15 -10.07
CA GLY A 387 -8.40 9.60 -9.55
C GLY A 387 -8.30 10.18 -8.15
N ASP A 388 -7.27 9.80 -7.41
CA ASP A 388 -6.97 10.33 -6.08
C ASP A 388 -5.95 11.48 -6.13
N GLY A 389 -5.55 11.93 -7.32
CA GLY A 389 -4.44 12.89 -7.40
C GLY A 389 -3.10 12.29 -7.08
N ASN A 390 -2.93 10.98 -7.27
CA ASN A 390 -1.79 10.20 -6.80
C ASN A 390 -1.18 9.49 -8.01
N PHE A 391 0.13 9.32 -8.01
CA PHE A 391 0.78 8.51 -9.04
C PHE A 391 2.13 7.99 -8.53
N HIS A 392 2.64 6.97 -9.22
CA HIS A 392 3.92 6.38 -8.92
C HIS A 392 4.87 6.62 -10.09
N CYS A 393 6.07 7.09 -9.80
CA CYS A 393 7.18 7.01 -10.75
C CYS A 393 8.03 5.83 -10.29
N ILE A 394 8.05 4.75 -11.07
CA ILE A 394 8.80 3.55 -10.71
C ILE A 394 10.17 3.67 -11.35
N LEU A 395 11.20 3.79 -10.52
CA LEU A 395 12.56 4.06 -10.98
C LEU A 395 13.42 2.82 -10.79
N LEU A 396 14.14 2.42 -11.84
CA LEU A 396 14.97 1.22 -11.78
C LEU A 396 16.40 1.57 -11.34
N VAL A 397 16.99 0.68 -10.55
CA VAL A 397 18.35 0.85 -10.03
C VAL A 397 19.13 -0.45 -10.24
N ASP A 398 20.33 -0.31 -10.77
CA ASP A 398 21.30 -1.41 -10.74
C ASP A 398 21.77 -1.60 -9.32
N PRO A 399 21.60 -2.77 -8.71
CA PRO A 399 21.95 -2.94 -7.29
C PRO A 399 23.44 -2.79 -7.00
N ASP A 400 24.29 -2.73 -8.02
CA ASP A 400 25.71 -2.54 -7.81
C ASP A 400 26.21 -1.15 -8.23
N ASP A 401 25.42 -0.40 -9.00
CA ASP A 401 25.81 0.94 -9.46
C ASP A 401 25.45 1.94 -8.38
N ALA A 402 26.45 2.28 -7.55
CA ALA A 402 26.21 3.20 -6.44
C ALA A 402 25.82 4.59 -6.92
N GLU A 403 26.32 5.01 -8.08
CA GLU A 403 26.00 6.34 -8.57
C GLU A 403 24.56 6.40 -9.07
N GLU A 404 24.09 5.34 -9.73
CA GLU A 404 22.71 5.34 -10.19
C GLU A 404 21.74 5.38 -9.00
N GLN A 405 22.06 4.67 -7.93
CA GLN A 405 21.22 4.72 -6.74
C GLN A 405 21.13 6.14 -6.18
N ARG A 406 22.26 6.85 -6.12
CA ARG A 406 22.23 8.24 -5.68
C ARG A 406 21.40 9.11 -6.60
N ARG A 407 21.41 8.81 -7.90
CA ARG A 407 20.60 9.58 -8.84
C ARG A 407 19.12 9.29 -8.64
N VAL A 408 18.77 8.05 -8.36
CA VAL A 408 17.36 7.71 -8.17
C VAL A 408 16.82 8.31 -6.88
N LYS A 409 17.59 8.22 -5.78
CA LYS A 409 17.12 8.82 -4.55
C LYS A 409 16.99 10.33 -4.70
N ALA A 410 17.92 10.98 -5.39
CA ALA A 410 17.82 12.43 -5.59
C ALA A 410 16.61 12.78 -6.44
N PHE A 411 16.34 11.99 -7.50
CA PHE A 411 15.16 12.24 -8.31
C PHE A 411 13.90 12.12 -7.47
N ALA A 412 13.81 11.06 -6.66
CA ALA A 412 12.61 10.83 -5.84
C ALA A 412 12.43 11.94 -4.82
N GLU A 413 13.51 12.41 -4.22
CA GLU A 413 13.36 13.47 -3.23
C GLU A 413 13.00 14.80 -3.88
N ASN A 414 13.53 15.08 -5.07
CA ASN A 414 13.11 16.28 -5.79
C ASN A 414 11.63 16.25 -6.15
N LEU A 415 11.14 15.09 -6.61
CA LEU A 415 9.73 14.96 -6.93
C LEU A 415 8.88 15.14 -5.67
N GLY A 416 9.29 14.49 -4.58
CA GLY A 416 8.55 14.67 -3.32
C GLY A 416 8.50 16.12 -2.87
N ARG A 417 9.63 16.84 -3.00
CA ARG A 417 9.61 18.24 -2.60
C ARG A 417 8.72 19.08 -3.52
N ARG A 418 8.67 18.75 -4.82
CA ARG A 418 7.77 19.47 -5.71
C ARG A 418 6.31 19.25 -5.31
N ALA A 419 5.96 18.03 -4.93
CA ALA A 419 4.59 17.76 -4.45
C ALA A 419 4.28 18.54 -3.18
N LEU A 420 5.23 18.61 -2.26
CA LEU A 420 5.01 19.39 -1.04
C LEU A 420 4.85 20.86 -1.37
N ALA A 421 5.59 21.35 -2.36
CA ALA A 421 5.43 22.75 -2.76
C ALA A 421 4.04 23.03 -3.32
N LEU A 422 3.35 22.00 -3.82
CA LEU A 422 2.02 22.16 -4.40
C LEU A 422 0.91 21.93 -3.38
N GLY A 423 1.24 21.83 -2.09
CA GLY A 423 0.26 21.57 -1.05
C GLY A 423 -0.09 20.11 -0.84
N GLY A 424 0.68 19.20 -1.42
CA GLY A 424 0.38 17.78 -1.40
C GLY A 424 1.13 17.03 -0.31
N THR A 425 1.14 15.70 -0.45
CA THR A 425 1.81 14.83 0.49
C THR A 425 2.84 14.00 -0.24
N CYS A 426 3.90 13.61 0.48
CA CYS A 426 4.96 12.82 -0.11
C CYS A 426 4.58 11.36 -0.32
N THR A 427 3.51 10.88 0.32
CA THR A 427 3.10 9.50 0.07
C THR A 427 1.60 9.37 0.20
N GLY A 428 0.94 8.90 -0.85
CA GLY A 428 -0.50 8.69 -0.78
C GLY A 428 -0.89 7.36 -0.17
N GLU A 429 -0.01 6.34 -0.25
CA GLU A 429 -0.41 5.02 0.24
C GLU A 429 0.74 4.11 0.71
N HIS A 430 1.96 4.28 0.19
CA HIS A 430 3.00 3.30 0.49
C HIS A 430 3.57 3.45 1.89
N GLY A 431 3.55 4.67 2.40
CA GLY A 431 4.14 5.00 3.69
C GLY A 431 5.53 5.61 3.58
N ILE A 432 6.13 5.77 4.75
CA ILE A 432 7.40 6.47 4.93
C ILE A 432 8.56 5.49 5.02
N GLY A 433 8.40 4.44 5.84
CA GLY A 433 9.49 3.51 6.14
C GLY A 433 10.85 4.14 6.35
N LEU A 434 11.82 3.69 5.57
CA LEU A 434 13.18 4.24 5.60
C LEU A 434 13.39 5.37 4.60
N GLY A 435 12.60 5.43 3.54
CA GLY A 435 12.90 6.29 2.41
C GLY A 435 12.44 7.74 2.48
N LYS A 436 11.37 8.02 3.21
CA LYS A 436 10.75 9.33 3.11
C LYS A 436 10.80 10.10 4.43
N ARG A 437 11.72 9.76 5.33
CA ARG A 437 11.69 10.36 6.67
C ARG A 437 11.98 11.85 6.62
N GLN A 438 12.89 12.28 5.73
CA GLN A 438 13.18 13.70 5.62
C GLN A 438 12.02 14.46 5.00
N LEU A 439 11.35 13.86 4.01
CA LEU A 439 10.19 14.51 3.42
C LEU A 439 9.08 14.69 4.44
N LEU A 440 8.87 13.67 5.30
CA LEU A 440 7.83 13.79 6.33
C LEU A 440 8.11 14.98 7.24
N GLN A 441 9.38 15.17 7.65
CA GLN A 441 9.70 16.32 8.50
C GLN A 441 9.34 17.63 7.81
N GLU A 442 9.61 17.73 6.52
CA GLU A 442 9.24 18.95 5.79
C GLU A 442 7.73 19.08 5.70
N GLU A 443 7.05 17.97 5.46
CA GLU A 443 5.61 17.98 5.22
C GLU A 443 4.81 18.50 6.40
N VAL A 444 5.13 18.08 7.62
CA VAL A 444 4.31 18.44 8.77
C VAL A 444 4.99 19.42 9.71
N GLY A 445 6.26 19.72 9.52
CA GLY A 445 6.90 20.77 10.27
C GLY A 445 7.22 20.37 11.69
N PRO A 446 7.86 21.28 12.42
CA PRO A 446 8.39 20.91 13.74
C PRO A 446 7.32 20.50 14.73
N VAL A 447 6.15 21.17 14.74
CA VAL A 447 5.17 20.81 15.75
C VAL A 447 4.49 19.50 15.37
N GLY A 448 4.32 19.25 14.07
CA GLY A 448 3.77 17.96 13.64
C GLY A 448 4.70 16.81 13.97
N VAL A 449 6.01 17.01 13.74
CA VAL A 449 6.97 15.95 14.08
C VAL A 449 6.99 15.69 15.56
N GLU A 450 7.08 16.76 16.38
CA GLU A 450 7.11 16.55 17.82
C GLU A 450 5.85 15.85 18.31
N THR A 451 4.68 16.26 17.80
CA THR A 451 3.43 15.61 18.21
C THR A 451 3.43 14.13 17.83
N MET A 452 3.82 13.82 16.59
CA MET A 452 3.92 12.40 16.21
C MET A 452 4.88 11.64 17.11
N ARG A 453 6.01 12.26 17.45
CA ARG A 453 6.98 11.58 18.30
C ARG A 453 6.47 11.40 19.72
N GLN A 454 5.71 12.36 20.25
CA GLN A 454 5.16 12.17 21.59
C GLN A 454 4.19 11.01 21.62
N LEU A 455 3.40 10.81 20.56
CA LEU A 455 2.51 9.66 20.49
C LEU A 455 3.30 8.36 20.42
N LYS A 456 4.32 8.32 19.57
CA LYS A 456 5.23 7.16 19.53
C LYS A 456 5.81 6.85 20.91
N ASN A 457 6.26 7.88 21.62
CA ASN A 457 6.87 7.67 22.92
C ASN A 457 5.87 7.15 23.95
N THR A 458 4.61 7.58 23.89
CA THR A 458 3.77 7.08 24.99
C THR A 458 3.37 5.63 24.76
N LEU A 459 3.23 5.23 23.49
CA LEU A 459 2.93 3.83 23.20
C LEU A 459 4.18 2.95 23.21
N ASP A 460 5.34 3.49 22.88
CA ASP A 460 6.60 2.72 22.77
C ASP A 460 7.72 3.47 23.48
N PRO A 461 7.68 3.56 24.82
CA PRO A 461 8.69 4.39 25.51
C PRO A 461 10.11 4.01 25.20
N ARG A 462 10.39 2.71 25.05
CA ARG A 462 11.76 2.28 24.83
C ARG A 462 12.21 2.36 23.37
N GLY A 463 11.32 2.75 22.46
CA GLY A 463 11.69 2.91 21.06
C GLY A 463 12.04 1.61 20.38
N LEU A 464 11.48 0.50 20.84
CA LEU A 464 11.78 -0.83 20.33
C LEU A 464 10.84 -1.29 19.24
N MET A 465 9.74 -0.58 18.99
CA MET A 465 8.73 -0.97 18.02
C MET A 465 9.17 -0.49 16.65
N ASN A 466 9.79 -1.38 15.85
CA ASN A 466 10.32 -1.10 14.52
C ASN A 466 11.17 0.18 14.46
N PRO A 467 12.31 0.22 15.14
CA PRO A 467 13.11 1.45 15.18
C PRO A 467 13.65 1.85 13.81
N GLY A 468 13.89 3.15 13.65
CA GLY A 468 14.44 3.71 12.43
C GLY A 468 13.43 4.00 11.34
N LYS A 469 12.14 3.73 11.55
CA LYS A 469 11.13 3.91 10.52
C LYS A 469 10.22 5.07 10.87
N VAL A 470 9.78 5.80 9.83
CA VAL A 470 8.77 6.87 9.88
C VAL A 470 9.35 8.14 10.50
N LEU A 471 9.64 8.10 11.79
CA LEU A 471 10.22 9.25 12.48
C LEU A 471 11.73 9.05 12.61
PA FAD B . 5.23 -5.80 5.03
O1A FAD B . 6.26 -5.46 4.00
O2A FAD B . 5.28 -7.13 5.68
O5B FAD B . 5.22 -4.67 6.15
C5B FAD B . 5.01 -3.28 5.79
C4B FAD B . 5.14 -2.43 7.03
O4B FAD B . 4.00 -2.68 7.88
C3B FAD B . 6.37 -2.69 7.90
O3B FAD B . 6.83 -1.51 8.52
C2B FAD B . 5.84 -3.72 8.92
O2B FAD B . 6.54 -3.69 10.16
C1B FAD B . 4.40 -3.25 9.10
N9A FAD B . 3.47 -4.31 9.41
C8A FAD B . 3.13 -5.40 8.64
N7A FAD B . 2.20 -6.16 9.16
C5A FAD B . 1.92 -5.54 10.38
C6A FAD B . 1.03 -5.86 11.43
N6A FAD B . 0.22 -6.92 11.41
N1A FAD B . 0.99 -5.03 12.49
C2A FAD B . 1.80 -3.96 12.49
N3A FAD B . 2.68 -3.57 11.58
C4A FAD B . 2.68 -4.40 10.54
N1 FAD B . 0.57 -0.62 -1.70
C2 FAD B . -0.52 0.19 -1.82
O2 FAD B . -0.94 0.87 -0.85
N3 FAD B . -1.22 0.23 -2.99
C4 FAD B . -0.90 -0.47 -4.16
O4 FAD B . -1.59 -0.31 -5.17
C4X FAD B . 0.24 -1.34 -4.02
N5 FAD B . 0.62 -2.07 -5.06
C5X FAD B . 1.72 -2.88 -4.93
C6 FAD B . 2.11 -3.68 -6.00
C7 FAD B . 3.21 -4.51 -5.90
C7M FAD B . 3.60 -5.36 -7.09
C8 FAD B . 3.94 -4.58 -4.70
C8M FAD B . 5.15 -5.47 -4.56
C9 FAD B . 3.54 -3.80 -3.62
C9A FAD B . 2.45 -2.95 -3.73
N10 FAD B . 2.02 -2.17 -2.63
C10 FAD B . 0.92 -1.34 -2.75
C1' FAD B . 2.79 -2.14 -1.38
C2' FAD B . 2.40 -3.20 -0.36
O2' FAD B . 1.73 -4.29 -0.96
C3' FAD B . 1.48 -2.58 0.69
O3' FAD B . 2.22 -1.56 1.36
C4' FAD B . 0.98 -3.60 1.71
O4' FAD B . 0.03 -2.93 2.55
C5' FAD B . 2.13 -4.21 2.51
O5' FAD B . 1.65 -5.29 3.32
P FAD B . 2.61 -6.41 3.83
O1P FAD B . 1.97 -7.31 4.88
O2P FAD B . 3.15 -7.17 2.63
O3P FAD B . 3.78 -5.54 4.45
MN MN C . -0.44 1.93 -5.95
C PYR D . 0.86 0.05 -7.74
O PYR D . -0.12 0.83 -7.79
OXT PYR D . 1.02 -0.89 -8.59
CA PYR D . 1.87 0.21 -6.60
O3 PYR D . 1.52 0.84 -5.65
CB PYR D . 3.26 -0.42 -6.69
#